data_9BIY
#
_entry.id   9BIY
#
_cell.length_a   78.382
_cell.length_b   38.266
_cell.length_c   120.068
_cell.angle_alpha   90.000
_cell.angle_beta   94.965
_cell.angle_gamma   90.000
#
_symmetry.space_group_name_H-M   'C 1 2 1'
#
loop_
_entity.id
_entity.type
_entity.pdbx_description
1 polymer 'Intracellular growth attenuator protein igaA'
2 polymer 'Outer membrane lipoprotein RcsF'
3 water water
#
loop_
_entity_poly.entity_id
_entity_poly.type
_entity_poly.pdbx_seq_one_letter_code
_entity_poly.pdbx_strand_id
1 'polypeptide(L)'
;SAQTIEATSVKQLADAGVRVGDTLRISGTG(MSE)CNIRTSGTWSAKTNSPFLPFDCSQIIWNDARSLPLPESELVNKAT
ALTEAVNRQLHPKPEDESRVSASLRSAIQKSG(MSE)VLLDDFGDIVLKTADLCSAKDDCVRLKNALVNLGNSKDWDALV
KRANAGKLDGVNVLLRPVSAESLDNLVATSTAPFITHETARAAQSLNSPAPGGFLIVSDEGSDFVDQPWPSASLYDYPPQ
EQWNAFQKLAQ(MSE)L(MSE)HTPFNAEGIVTKIFTDANGTQHIGLHPIP
;
A
2 'polypeptide(L)'
;RATPVRIYTNAEELVGKPFRDLGEVSGDSCQASNQDSPPSIPTARKRMQINASKMKANAVLLHSCEVTSGTPGCYRQAVC
IGSALNIT
;
B
#
# COMPACT_ATOMS: atom_id res chain seq x y z
N ALA A 2 33.24 26.81 -39.97
CA ALA A 2 32.09 26.26 -39.23
C ALA A 2 31.55 25.00 -39.89
N GLN A 3 31.33 23.96 -39.09
CA GLN A 3 30.91 22.66 -39.60
C GLN A 3 29.48 22.36 -39.18
N THR A 4 28.89 21.38 -39.89
CA THR A 4 27.60 20.80 -39.53
C THR A 4 27.87 19.39 -39.03
N ILE A 5 27.53 19.14 -37.77
CA ILE A 5 27.86 17.91 -37.07
C ILE A 5 26.56 17.19 -36.77
N GLU A 6 26.48 15.93 -37.16
CA GLU A 6 25.36 15.08 -36.78
C GLU A 6 25.87 13.97 -35.89
N ALA A 7 25.17 13.71 -34.78
CA ALA A 7 25.67 12.71 -33.86
C ALA A 7 24.49 11.87 -33.37
N THR A 8 24.70 10.56 -33.30
CA THR A 8 23.69 9.64 -32.78
C THR A 8 24.18 8.89 -31.56
N SER A 9 25.36 9.21 -31.05
CA SER A 9 25.91 8.58 -29.86
C SER A 9 26.83 9.57 -29.17
N VAL A 10 26.95 9.42 -27.84
CA VAL A 10 27.80 10.31 -27.05
C VAL A 10 29.23 10.26 -27.54
N LYS A 11 29.72 9.05 -27.84
CA LYS A 11 31.11 8.89 -28.29
C LYS A 11 31.35 9.63 -29.60
N GLN A 12 30.38 9.59 -30.51
CA GLN A 12 30.50 10.31 -31.78
C GLN A 12 30.67 11.81 -31.55
N LEU A 13 29.88 12.36 -30.64
CA LEU A 13 29.93 13.80 -30.35
C LEU A 13 31.25 14.16 -29.66
N ALA A 14 31.72 13.30 -28.76
CA ALA A 14 32.97 13.59 -28.08
C ALA A 14 34.13 13.68 -29.06
N ASP A 15 34.11 12.86 -30.12
CA ASP A 15 35.16 12.88 -31.13
C ASP A 15 34.90 13.90 -32.22
N ALA A 16 33.79 14.62 -32.19
CA ALA A 16 33.46 15.53 -33.28
C ALA A 16 34.15 16.89 -33.17
N GLY A 17 34.59 17.27 -31.98
CA GLY A 17 35.27 18.55 -31.80
C GLY A 17 34.36 19.74 -32.05
N VAL A 18 33.19 19.73 -31.40
CA VAL A 18 32.22 20.81 -31.52
C VAL A 18 32.85 22.15 -31.11
N ARG A 19 32.55 23.19 -31.89
CA ARG A 19 32.98 24.55 -31.61
C ARG A 19 31.78 25.49 -31.68
N VAL A 20 31.82 26.56 -30.88
CA VAL A 20 30.88 27.67 -31.03
C VAL A 20 30.77 28.05 -32.51
N GLY A 21 29.54 28.24 -32.98
CA GLY A 21 29.29 28.57 -34.36
C GLY A 21 28.89 27.39 -35.23
N ASP A 22 29.25 26.17 -34.83
CA ASP A 22 28.85 24.98 -35.58
C ASP A 22 27.34 24.78 -35.49
N THR A 23 26.81 24.05 -36.46
CA THR A 23 25.43 23.57 -36.40
C THR A 23 25.48 22.13 -35.92
N LEU A 24 24.65 21.81 -34.93
CA LEU A 24 24.67 20.52 -34.26
C LEU A 24 23.30 19.90 -34.42
N ARG A 25 23.27 18.62 -34.78
CA ARG A 25 22.03 17.86 -34.86
C ARG A 25 22.26 16.54 -34.13
N ILE A 26 21.51 16.34 -33.05
CA ILE A 26 21.74 15.25 -32.11
C ILE A 26 20.43 14.51 -31.95
N SER A 27 20.50 13.20 -31.92
CA SER A 27 19.37 12.37 -31.53
C SER A 27 19.89 11.19 -30.74
N GLY A 28 19.14 10.81 -29.73
CA GLY A 28 19.57 9.70 -28.90
C GLY A 28 18.56 9.55 -27.79
N THR A 29 19.01 8.94 -26.70
CA THR A 29 18.20 8.82 -25.50
C THR A 29 18.98 9.34 -24.31
N GLY A 30 18.31 10.12 -23.49
CA GLY A 30 18.96 10.77 -22.37
C GLY A 30 18.02 10.94 -21.20
N MSE A 31 18.44 11.79 -20.27
CA MSE A 31 17.66 12.17 -19.12
C MSE A 31 17.40 13.67 -19.08
O MSE A 31 18.33 14.49 -19.24
CB MSE A 31 18.37 11.74 -17.83
CG MSE A 31 17.63 12.16 -16.61
SE MSE A 31 18.64 11.58 -15.03
CE MSE A 31 17.91 12.88 -13.73
N CYS A 32 16.13 14.05 -18.89
CA CYS A 32 15.82 15.43 -18.56
C CYS A 32 16.50 15.85 -17.25
N ASN A 33 17.09 17.04 -17.25
CA ASN A 33 17.82 17.48 -16.09
C ASN A 33 16.88 17.76 -14.94
N ILE A 34 17.34 17.47 -13.72
CA ILE A 34 16.61 17.71 -12.47
C ILE A 34 17.14 18.91 -11.69
N SER A 46 6.74 24.74 -16.57
CA SER A 46 6.92 23.53 -17.36
C SER A 46 6.09 22.40 -16.78
N PRO A 47 5.43 21.63 -17.65
CA PRO A 47 4.59 20.52 -17.18
C PRO A 47 5.36 19.31 -16.69
N PHE A 48 6.66 19.22 -16.96
CA PHE A 48 7.47 18.08 -16.59
C PHE A 48 8.16 18.23 -15.23
N LEU A 49 7.93 19.33 -14.50
CA LEU A 49 8.65 19.56 -13.26
C LEU A 49 8.44 18.40 -12.29
N PRO A 50 9.47 17.99 -11.53
CA PRO A 50 10.78 18.65 -11.32
C PRO A 50 11.79 18.50 -12.45
N PHE A 51 11.46 17.81 -13.55
CA PHE A 51 12.38 17.67 -14.67
C PHE A 51 12.36 18.92 -15.55
N ASP A 52 13.48 19.17 -16.23
CA ASP A 52 13.59 20.23 -17.25
C ASP A 52 14.05 19.56 -18.54
N CYS A 53 13.17 19.47 -19.52
CA CYS A 53 13.52 18.75 -20.73
C CYS A 53 14.13 19.66 -21.76
N SER A 54 14.40 20.92 -21.40
CA SER A 54 15.21 21.78 -22.24
C SER A 54 16.69 21.58 -21.98
N GLN A 55 17.06 20.73 -21.03
CA GLN A 55 18.46 20.40 -20.75
C GLN A 55 18.57 18.89 -20.62
N ILE A 56 19.30 18.26 -21.54
CA ILE A 56 19.38 16.81 -21.62
C ILE A 56 20.74 16.35 -21.16
N ILE A 57 20.76 15.51 -20.13
CA ILE A 57 21.96 14.80 -19.72
C ILE A 57 22.16 13.64 -20.68
N TRP A 58 23.25 13.67 -21.43
CA TRP A 58 23.53 12.63 -22.42
C TRP A 58 24.86 12.00 -22.05
N ASN A 59 24.81 10.73 -21.61
CA ASN A 59 25.98 10.09 -21.05
C ASN A 59 25.89 8.60 -21.31
N ASP A 60 27.05 7.96 -21.43
CA ASP A 60 27.10 6.51 -21.57
C ASP A 60 26.92 5.80 -20.24
N ALA A 61 27.36 6.43 -19.15
CA ALA A 61 27.18 5.92 -17.79
C ALA A 61 25.94 6.53 -17.17
N ARG A 62 24.79 6.01 -17.54
CA ARG A 62 23.56 6.37 -16.84
C ARG A 62 23.50 5.54 -15.56
N SER A 63 24.17 6.03 -14.53
CA SER A 63 24.26 5.31 -13.27
C SER A 63 23.09 5.59 -12.34
N LEU A 64 22.40 6.73 -12.50
CA LEU A 64 21.28 7.07 -11.63
C LEU A 64 20.13 6.10 -11.85
N PRO A 65 19.76 5.29 -10.86
CA PRO A 65 18.61 4.40 -11.04
C PRO A 65 17.32 5.17 -10.89
N LEU A 66 16.24 4.57 -11.40
CA LEU A 66 14.93 5.16 -11.23
C LEU A 66 14.59 5.20 -9.74
N PRO A 67 13.89 6.24 -9.28
CA PRO A 67 13.62 6.39 -7.84
C PRO A 67 12.81 5.22 -7.28
N GLU A 68 13.42 4.48 -6.37
CA GLU A 68 12.76 3.39 -5.67
C GLU A 68 13.05 3.55 -4.18
N SER A 69 12.12 3.10 -3.34
CA SER A 69 12.25 3.39 -1.91
C SER A 69 11.65 2.23 -1.13
N GLU A 70 12.51 1.45 -0.47
CA GLU A 70 12.04 0.44 0.47
C GLU A 70 11.15 1.06 1.55
N LEU A 71 11.45 2.28 1.98
CA LEU A 71 10.62 2.92 3.00
C LEU A 71 9.23 3.23 2.45
N VAL A 72 9.15 3.78 1.24
CA VAL A 72 7.85 3.98 0.62
C VAL A 72 7.12 2.66 0.43
N ASN A 73 7.83 1.60 0.01
CA ASN A 73 7.18 0.32 -0.17
C ASN A 73 6.59 -0.19 1.14
N LYS A 74 7.30 0.02 2.24
CA LYS A 74 6.79 -0.40 3.54
C LYS A 74 5.54 0.38 3.93
N ALA A 75 5.52 1.67 3.63
CA ALA A 75 4.34 2.50 3.89
C ALA A 75 3.16 2.05 3.05
N THR A 76 3.38 1.88 1.75
CA THR A 76 2.32 1.39 0.88
C THR A 76 1.83 0.04 1.32
N ALA A 77 2.74 -0.85 1.78
CA ALA A 77 2.30 -2.17 2.21
C ALA A 77 1.45 -2.10 3.46
N LEU A 78 1.79 -1.21 4.39
CA LEU A 78 0.97 -1.07 5.59
C LEU A 78 -0.41 -0.55 5.24
N THR A 79 -0.46 0.52 4.44
CA THR A 79 -1.74 1.08 4.01
C THR A 79 -2.59 0.04 3.30
N GLU A 80 -1.97 -0.79 2.46
CA GLU A 80 -2.72 -1.83 1.76
C GLU A 80 -3.25 -2.89 2.73
N ALA A 81 -2.45 -3.28 3.73
CA ALA A 81 -2.89 -4.34 4.64
C ALA A 81 -4.07 -3.89 5.48
N VAL A 82 -4.09 -2.61 5.88
CA VAL A 82 -5.20 -2.08 6.64
C VAL A 82 -6.43 -1.87 5.77
N ASN A 83 -6.24 -1.34 4.56
CA ASN A 83 -7.40 -1.06 3.71
C ASN A 83 -8.13 -2.33 3.30
N ARG A 84 -7.42 -3.43 3.08
CA ARG A 84 -8.12 -4.66 2.73
C ARG A 84 -8.95 -5.21 3.87
N GLN A 85 -8.74 -4.72 5.10
CA GLN A 85 -9.56 -5.10 6.24
C GLN A 85 -10.68 -4.10 6.52
N LEU A 86 -10.44 -2.80 6.32
CA LEU A 86 -11.47 -1.78 6.54
C LEU A 86 -12.22 -1.37 5.27
N HIS A 87 -11.65 -1.61 4.08
CA HIS A 87 -12.28 -1.21 2.82
C HIS A 87 -12.00 -2.27 1.74
N PRO A 88 -12.49 -3.50 1.94
CA PRO A 88 -12.14 -4.59 1.00
C PRO A 88 -12.55 -4.29 -0.44
N LYS A 89 -11.73 -4.80 -1.36
CA LYS A 89 -11.88 -4.66 -2.80
C LYS A 89 -12.75 -5.82 -3.32
N PRO A 90 -13.09 -5.91 -4.61
CA PRO A 90 -13.96 -7.01 -5.05
C PRO A 90 -13.33 -8.38 -4.86
N GLU A 91 -12.10 -8.53 -5.34
CA GLU A 91 -11.32 -9.76 -5.34
C GLU A 91 -10.75 -10.11 -3.97
N ASP A 92 -10.85 -9.21 -2.98
CA ASP A 92 -9.98 -9.30 -1.81
C ASP A 92 -10.28 -10.56 -1.00
N GLU A 93 -9.21 -11.16 -0.48
CA GLU A 93 -9.37 -12.37 0.32
C GLU A 93 -9.91 -12.03 1.71
N SER A 94 -10.84 -12.86 2.17
CA SER A 94 -11.40 -12.73 3.51
C SER A 94 -10.85 -13.88 4.37
N ARG A 95 -10.31 -13.54 5.53
CA ARG A 95 -9.53 -14.47 6.33
C ARG A 95 -10.30 -14.98 7.55
N VAL A 96 -11.62 -14.80 7.56
CA VAL A 96 -12.49 -15.52 8.50
C VAL A 96 -13.44 -16.38 7.68
N SER A 97 -14.18 -17.22 8.39
CA SER A 97 -15.18 -18.07 7.75
C SER A 97 -16.25 -17.22 7.10
N ALA A 98 -16.81 -17.76 6.01
CA ALA A 98 -17.91 -17.09 5.32
C ALA A 98 -19.03 -16.74 6.28
N SER A 99 -19.37 -17.68 7.18
CA SER A 99 -20.51 -17.49 8.07
C SER A 99 -20.26 -16.37 9.07
N LEU A 100 -19.08 -16.34 9.68
CA LEU A 100 -18.73 -15.23 10.56
C LEU A 100 -18.59 -13.94 9.78
N ARG A 101 -17.99 -14.00 8.59
CA ARG A 101 -17.99 -12.85 7.69
C ARG A 101 -19.42 -12.40 7.42
N SER A 102 -20.24 -13.30 6.91
CA SER A 102 -21.66 -13.06 6.67
C SER A 102 -22.31 -12.44 7.90
N ALA A 103 -21.97 -12.98 9.07
CA ALA A 103 -22.61 -12.53 10.31
C ALA A 103 -22.21 -11.11 10.68
N ILE A 104 -20.98 -10.70 10.34
CA ILE A 104 -20.50 -9.38 10.76
C ILE A 104 -21.09 -8.27 9.90
N GLN A 105 -21.36 -8.53 8.62
CA GLN A 105 -21.90 -7.48 7.75
C GLN A 105 -23.34 -7.15 8.11
N LYS A 106 -24.17 -8.18 8.35
CA LYS A 106 -25.51 -7.96 8.87
C LYS A 106 -25.47 -7.45 10.31
N SER A 107 -24.41 -7.79 11.05
CA SER A 107 -24.21 -7.22 12.38
C SER A 107 -24.22 -5.70 12.30
N GLY A 108 -23.30 -5.14 11.52
CA GLY A 108 -23.09 -3.71 11.52
C GLY A 108 -21.99 -3.37 12.49
N MSE A 109 -20.79 -3.88 12.21
CA MSE A 109 -19.59 -3.66 13.02
C MSE A 109 -18.36 -3.87 12.16
O MSE A 109 -18.48 -4.24 10.99
CB MSE A 109 -19.56 -4.49 14.30
CG MSE A 109 -19.88 -3.61 15.51
SE MSE A 109 -18.96 -4.27 17.11
CE MSE A 109 -19.00 -2.64 18.21
N VAL A 110 -17.16 -3.67 12.74
CA VAL A 110 -15.93 -3.75 11.96
C VAL A 110 -15.01 -4.80 12.56
N LEU A 111 -14.53 -5.71 11.71
CA LEU A 111 -13.63 -6.79 12.08
C LEU A 111 -12.27 -6.57 11.45
N LEU A 112 -11.20 -6.83 12.20
CA LEU A 112 -9.87 -6.96 11.64
C LEU A 112 -9.61 -8.43 11.31
N ASP A 113 -9.45 -8.72 10.02
CA ASP A 113 -9.16 -10.05 9.50
C ASP A 113 -7.91 -10.66 10.09
N ASP A 114 -6.92 -9.84 10.39
CA ASP A 114 -5.55 -10.31 10.52
C ASP A 114 -4.72 -9.30 11.31
N PHE A 115 -4.91 -9.34 12.62
CA PHE A 115 -4.23 -8.41 13.51
C PHE A 115 -2.72 -8.54 13.40
N GLY A 116 -2.22 -9.78 13.31
CA GLY A 116 -0.78 -10.01 13.19
C GLY A 116 -0.16 -9.33 11.97
N ASP A 117 -0.87 -9.36 10.84
CA ASP A 117 -0.37 -8.68 9.63
C ASP A 117 -0.14 -7.20 9.88
N ILE A 118 -1.09 -6.55 10.56
CA ILE A 118 -0.97 -5.12 10.78
C ILE A 118 0.20 -4.81 11.72
N VAL A 119 0.39 -5.64 12.76
CA VAL A 119 1.51 -5.43 13.67
C VAL A 119 2.84 -5.54 12.92
N LEU A 120 3.03 -6.62 12.17
CA LEU A 120 4.31 -6.86 11.50
C LEU A 120 4.62 -5.81 10.45
N LYS A 121 3.61 -5.40 9.68
CA LYS A 121 3.86 -4.35 8.71
C LYS A 121 4.12 -3.00 9.39
N THR A 122 3.54 -2.78 10.57
CA THR A 122 3.87 -1.57 11.34
C THR A 122 5.28 -1.64 11.88
N ALA A 123 5.65 -2.77 12.51
CA ALA A 123 7.01 -2.96 13.00
C ALA A 123 8.03 -2.76 11.91
N ASP A 124 7.69 -3.16 10.68
CA ASP A 124 8.62 -3.06 9.56
C ASP A 124 8.83 -1.61 9.13
N LEU A 125 7.75 -0.88 8.90
CA LEU A 125 7.86 0.53 8.54
C LEU A 125 8.42 1.34 9.69
N CYS A 126 7.90 1.11 10.89
CA CYS A 126 8.16 1.92 12.06
C CYS A 126 9.22 1.23 12.95
N SER A 127 10.37 0.92 12.35
CA SER A 127 11.35 0.12 13.06
C SER A 127 12.07 0.91 14.15
N ALA A 128 12.14 2.24 14.01
CA ALA A 128 12.83 3.05 15.01
C ALA A 128 11.97 3.17 16.28
N LYS A 129 12.64 3.33 17.42
CA LYS A 129 11.94 3.41 18.71
C LYS A 129 10.93 4.55 18.73
N ASP A 130 11.27 5.66 18.06
CA ASP A 130 10.50 6.90 18.12
C ASP A 130 9.47 7.02 17.00
N ASP A 131 9.50 6.16 15.99
CA ASP A 131 8.54 6.22 14.90
C ASP A 131 7.17 5.70 15.31
N CYS A 132 6.13 6.42 14.90
CA CYS A 132 4.72 5.94 14.95
C CYS A 132 4.30 5.51 16.34
N VAL A 133 4.61 6.32 17.35
CA VAL A 133 4.33 5.92 18.72
C VAL A 133 2.82 5.80 18.96
N ARG A 134 2.03 6.72 18.38
CA ARG A 134 0.60 6.66 18.63
C ARG A 134 -0.03 5.42 18.01
N LEU A 135 0.40 5.09 16.80
CA LEU A 135 -0.11 3.88 16.15
C LEU A 135 0.28 2.64 16.94
N LYS A 136 1.51 2.63 17.48
CA LYS A 136 1.96 1.50 18.28
C LYS A 136 1.13 1.35 19.54
N ASN A 137 0.86 2.46 20.22
CA ASN A 137 0.00 2.41 21.40
C ASN A 137 -1.40 1.93 21.04
N ALA A 138 -1.95 2.37 19.90
CA ALA A 138 -3.26 1.90 19.50
C ALA A 138 -3.25 0.40 19.27
N LEU A 139 -2.20 -0.12 18.65
CA LEU A 139 -2.13 -1.57 18.43
C LEU A 139 -1.96 -2.33 19.75
N VAL A 140 -1.12 -1.81 20.66
CA VAL A 140 -0.94 -2.46 21.96
C VAL A 140 -2.26 -2.58 22.69
N ASN A 141 -3.12 -1.57 22.55
CA ASN A 141 -4.39 -1.57 23.28
C ASN A 141 -5.36 -2.60 22.72
N LEU A 142 -5.29 -2.87 21.41
CA LEU A 142 -6.14 -3.91 20.82
C LEU A 142 -5.66 -5.30 21.18
N GLY A 143 -4.35 -5.49 21.30
CA GLY A 143 -3.79 -6.78 21.64
C GLY A 143 -3.70 -6.98 23.15
N ASN A 144 -3.17 -8.14 23.52
CA ASN A 144 -3.13 -8.53 24.93
C ASN A 144 -1.73 -8.41 25.52
N SER A 145 -0.79 -7.82 24.78
CA SER A 145 0.57 -7.69 25.24
C SER A 145 0.74 -6.46 26.12
N LYS A 146 1.75 -6.50 26.98
CA LYS A 146 2.07 -5.40 27.88
C LYS A 146 2.41 -4.14 27.10
N ASP A 147 3.56 -4.11 26.43
CA ASP A 147 4.01 -2.95 25.66
C ASP A 147 4.25 -3.36 24.20
N TRP A 148 4.68 -2.38 23.40
CA TRP A 148 4.86 -2.62 21.97
C TRP A 148 5.88 -3.71 21.70
N ASP A 149 7.01 -3.67 22.40
CA ASP A 149 8.07 -4.65 22.16
C ASP A 149 7.60 -6.06 22.50
N ALA A 150 6.80 -6.20 23.56
CA ALA A 150 6.21 -7.50 23.88
C ALA A 150 5.27 -7.97 22.78
N LEU A 151 4.48 -7.06 22.21
CA LEU A 151 3.59 -7.41 21.11
C LEU A 151 4.37 -7.81 19.87
N VAL A 152 5.41 -7.05 19.51
CA VAL A 152 6.24 -7.40 18.36
C VAL A 152 6.92 -8.74 18.55
N LYS A 153 7.30 -9.08 19.78
CA LYS A 153 7.90 -10.39 20.01
C LYS A 153 6.91 -11.50 19.69
N ARG A 154 5.69 -11.40 20.23
CA ARG A 154 4.68 -12.40 19.89
C ARG A 154 4.38 -12.40 18.40
N ALA A 155 4.43 -11.24 17.76
CA ALA A 155 4.21 -11.20 16.32
C ALA A 155 5.31 -11.93 15.59
N ASN A 156 6.57 -11.68 15.98
CA ASN A 156 7.70 -12.36 15.38
C ASN A 156 7.71 -13.84 15.73
N ALA A 157 7.17 -14.18 16.91
CA ALA A 157 6.99 -15.57 17.28
C ALA A 157 5.88 -16.26 16.50
N GLY A 158 5.06 -15.50 15.78
CA GLY A 158 3.96 -16.05 15.02
C GLY A 158 2.67 -16.26 15.79
N LYS A 159 2.60 -15.82 17.04
CA LYS A 159 1.43 -16.05 17.87
C LYS A 159 0.21 -15.24 17.43
N LEU A 160 0.34 -14.31 16.50
CA LEU A 160 -0.76 -13.44 16.12
C LEU A 160 -1.24 -13.65 14.70
N ASP A 161 -0.71 -14.65 13.99
CA ASP A 161 -1.05 -14.79 12.58
C ASP A 161 -2.50 -15.25 12.45
N GLY A 162 -3.31 -14.43 11.75
CA GLY A 162 -4.71 -14.75 11.57
C GLY A 162 -5.60 -14.56 12.79
N VAL A 163 -5.05 -14.08 13.91
CA VAL A 163 -5.88 -13.63 15.02
C VAL A 163 -6.76 -12.50 14.55
N ASN A 164 -8.06 -12.53 14.92
CA ASN A 164 -8.97 -11.46 14.58
C ASN A 164 -9.26 -10.58 15.79
N VAL A 165 -9.54 -9.30 15.54
CA VAL A 165 -9.90 -8.33 16.56
C VAL A 165 -11.14 -7.59 16.10
N LEU A 166 -12.11 -7.48 16.98
CA LEU A 166 -13.34 -6.75 16.74
C LEU A 166 -13.24 -5.41 17.45
N LEU A 167 -13.60 -4.34 16.75
CA LEU A 167 -13.55 -3.02 17.35
C LEU A 167 -14.72 -2.21 16.82
N ARG A 168 -15.12 -1.19 17.59
CA ARG A 168 -16.27 -0.47 17.09
C ARG A 168 -15.85 0.63 16.12
N PRO A 169 -16.75 1.00 15.19
CA PRO A 169 -16.35 1.92 14.11
C PRO A 169 -15.57 3.15 14.56
N VAL A 170 -15.86 3.72 15.74
CA VAL A 170 -15.12 4.89 16.17
C VAL A 170 -13.64 4.54 16.35
N SER A 171 -13.35 3.36 16.90
CA SER A 171 -11.96 2.95 17.01
C SER A 171 -11.36 2.57 15.66
N ALA A 172 -12.19 2.03 14.76
CA ALA A 172 -11.71 1.65 13.44
C ALA A 172 -11.37 2.88 12.60
N GLU A 173 -12.12 3.96 12.78
CA GLU A 173 -11.81 5.19 12.06
C GLU A 173 -10.63 5.91 12.68
N SER A 174 -10.55 5.91 14.02
CA SER A 174 -9.32 6.37 14.67
C SER A 174 -8.11 5.58 14.18
N LEU A 175 -8.28 4.26 13.97
CA LEU A 175 -7.17 3.44 13.52
C LEU A 175 -6.81 3.75 12.07
N ASP A 176 -7.82 3.77 11.19
CA ASP A 176 -7.58 4.09 9.79
C ASP A 176 -6.89 5.44 9.64
N ASN A 177 -7.29 6.44 10.43
CA ASN A 177 -6.69 7.77 10.37
C ASN A 177 -5.28 7.81 10.96
N LEU A 178 -5.04 7.06 12.03
CA LEU A 178 -3.70 6.93 12.60
C LEU A 178 -2.72 6.38 11.57
N VAL A 179 -3.14 5.33 10.86
CA VAL A 179 -2.29 4.74 9.84
C VAL A 179 -2.04 5.75 8.72
N ALA A 180 -3.11 6.39 8.25
CA ALA A 180 -2.96 7.41 7.23
C ALA A 180 -1.96 8.48 7.64
N THR A 181 -2.00 8.92 8.90
CA THR A 181 -1.11 9.99 9.32
C THR A 181 0.27 9.48 9.70
N SER A 182 0.42 8.18 9.94
CA SER A 182 1.76 7.64 10.21
C SER A 182 2.53 7.32 8.94
N THR A 183 1.86 6.79 7.90
CA THR A 183 2.54 6.43 6.66
C THR A 183 2.92 7.66 5.84
N ALA A 184 2.05 8.66 5.78
CA ALA A 184 2.22 9.74 4.83
C ALA A 184 3.53 10.51 5.00
N PRO A 185 4.01 10.84 6.22
CA PRO A 185 5.28 11.59 6.29
C PRO A 185 6.47 10.83 5.76
N PHE A 186 6.50 9.50 5.90
CA PHE A 186 7.56 8.70 5.30
C PHE A 186 7.61 8.91 3.78
N ILE A 187 6.44 8.94 3.14
CA ILE A 187 6.42 9.08 1.68
C ILE A 187 6.83 10.49 1.26
N THR A 188 6.32 11.52 1.96
CA THR A 188 6.74 12.90 1.68
C THR A 188 8.23 13.08 1.86
N HIS A 189 8.80 12.53 2.93
CA HIS A 189 10.24 12.72 3.12
C HIS A 189 11.03 11.94 2.08
N GLU A 190 10.55 10.75 1.71
CA GLU A 190 11.23 10.02 0.64
C GLU A 190 11.11 10.71 -0.72
N THR A 191 9.99 11.40 -1.03
CA THR A 191 10.00 12.09 -2.33
C THR A 191 10.99 13.25 -2.33
N ALA A 192 11.17 13.91 -1.17
CA ALA A 192 12.22 14.93 -1.08
C ALA A 192 13.60 14.33 -1.31
N ARG A 193 13.92 13.24 -0.62
CA ARG A 193 15.23 12.63 -0.78
C ARG A 193 15.45 12.18 -2.21
N ALA A 194 14.42 11.57 -2.83
CA ALA A 194 14.56 10.98 -4.16
C ALA A 194 14.87 12.05 -5.20
N ALA A 195 14.09 13.13 -5.22
CA ALA A 195 14.37 14.19 -6.19
C ALA A 195 15.70 14.86 -5.91
N GLN A 196 16.10 14.97 -4.64
CA GLN A 196 17.41 15.54 -4.33
C GLN A 196 18.52 14.59 -4.76
N SER A 197 18.29 13.28 -4.64
CA SER A 197 19.22 12.28 -5.15
C SER A 197 19.46 12.43 -6.65
N LEU A 198 18.39 12.67 -7.41
CA LEU A 198 18.51 12.76 -8.87
C LEU A 198 19.29 13.99 -9.32
N ASN A 199 19.58 14.91 -8.41
CA ASN A 199 20.24 16.16 -8.74
C ASN A 199 21.75 16.03 -8.90
N SER A 200 22.32 14.89 -8.50
CA SER A 200 23.74 14.61 -8.60
C SER A 200 24.05 13.91 -9.92
N PRO A 201 24.57 14.60 -10.92
CA PRO A 201 24.78 13.97 -12.23
C PRO A 201 26.05 13.14 -12.26
N ALA A 202 26.04 12.12 -13.10
CA ALA A 202 27.23 11.29 -13.27
C ALA A 202 28.35 12.13 -13.90
N PRO A 203 29.61 11.77 -13.65
CA PRO A 203 30.71 12.50 -14.30
C PRO A 203 30.75 12.24 -15.81
N GLY A 204 31.30 13.23 -16.53
CA GLY A 204 31.51 13.10 -17.96
C GLY A 204 30.26 13.33 -18.78
N GLY A 205 30.31 12.87 -20.02
CA GLY A 205 29.22 13.05 -20.97
C GLY A 205 28.93 14.52 -21.26
N PHE A 206 27.65 14.79 -21.50
CA PHE A 206 27.19 16.06 -22.03
C PHE A 206 25.95 16.54 -21.28
N LEU A 207 25.79 17.85 -21.25
CA LEU A 207 24.52 18.50 -20.90
C LEU A 207 24.16 19.38 -22.09
N ILE A 208 23.09 19.03 -22.81
CA ILE A 208 22.67 19.72 -24.03
C ILE A 208 21.54 20.68 -23.67
N VAL A 209 21.75 21.97 -23.89
CA VAL A 209 20.92 23.03 -23.32
C VAL A 209 20.27 23.85 -24.43
N SER A 210 18.95 23.98 -24.38
CA SER A 210 18.26 24.91 -25.27
C SER A 210 18.40 26.34 -24.76
N ASP A 211 18.96 27.25 -25.58
CA ASP A 211 19.05 28.64 -25.15
C ASP A 211 17.67 29.26 -25.00
N GLU A 212 16.72 28.85 -25.85
CA GLU A 212 15.36 29.37 -25.75
C GLU A 212 14.55 28.71 -24.64
N GLY A 213 15.07 27.67 -23.99
CA GLY A 213 14.27 26.95 -23.03
C GLY A 213 13.21 26.04 -23.62
N SER A 214 13.26 25.76 -24.92
CA SER A 214 12.35 24.80 -25.54
C SER A 214 12.75 23.37 -25.19
N ASP A 215 11.73 22.51 -25.09
CA ASP A 215 11.97 21.09 -24.80
C ASP A 215 12.59 20.36 -26.00
N PHE A 216 13.51 19.44 -25.72
CA PHE A 216 14.15 18.63 -26.74
C PHE A 216 13.48 17.27 -26.89
N VAL A 217 12.41 17.02 -26.14
CA VAL A 217 11.70 15.77 -26.17
C VAL A 217 10.32 16.00 -26.76
N ASP A 218 9.69 14.91 -27.20
CA ASP A 218 8.31 14.88 -27.63
C ASP A 218 7.62 13.88 -26.71
N GLN A 219 7.16 14.35 -25.57
CA GLN A 219 6.56 13.46 -24.59
C GLN A 219 5.22 14.01 -24.17
N PRO A 220 4.29 13.14 -23.76
CA PRO A 220 2.98 13.62 -23.32
C PRO A 220 3.08 14.37 -22.00
N TRP A 221 2.44 15.54 -21.94
CA TRP A 221 2.46 16.32 -20.71
C TRP A 221 1.57 15.64 -19.67
N PRO A 222 2.00 15.58 -18.41
CA PRO A 222 1.12 15.07 -17.35
C PRO A 222 -0.18 15.85 -17.31
N SER A 223 -1.27 15.16 -16.98
CA SER A 223 -2.57 15.81 -16.97
C SER A 223 -2.68 16.84 -15.85
N ALA A 224 -1.82 16.76 -14.84
CA ALA A 224 -1.83 17.71 -13.74
C ALA A 224 -0.46 17.69 -13.07
N SER A 225 -0.23 18.66 -12.18
CA SER A 225 1.04 18.73 -11.45
C SER A 225 1.00 17.79 -10.26
N LEU A 226 1.99 16.90 -10.18
CA LEU A 226 2.02 15.92 -9.10
C LEU A 226 2.18 16.59 -7.73
N TYR A 227 2.67 17.83 -7.68
CA TYR A 227 2.81 18.50 -6.40
C TYR A 227 1.45 18.79 -5.76
N ASP A 228 0.37 18.71 -6.51
CA ASP A 228 -0.95 18.91 -5.96
C ASP A 228 -1.60 17.62 -5.46
N TYR A 229 -0.93 16.48 -5.60
CA TYR A 229 -1.45 15.19 -5.15
C TYR A 229 -1.05 14.90 -3.71
N PRO A 230 -1.86 14.12 -3.00
CA PRO A 230 -1.44 13.61 -1.69
C PRO A 230 -0.22 12.72 -1.83
N PRO A 231 0.47 12.41 -0.72
CA PRO A 231 1.80 11.78 -0.83
C PRO A 231 1.88 10.50 -1.65
N GLN A 232 0.99 9.53 -1.45
CA GLN A 232 1.13 8.29 -2.20
C GLN A 232 0.91 8.52 -3.68
N GLU A 233 -0.10 9.31 -4.02
CA GLU A 233 -0.40 9.57 -5.42
C GLU A 233 0.69 10.40 -6.05
N GLN A 234 1.31 11.27 -5.25
CA GLN A 234 2.42 12.09 -5.73
C GLN A 234 3.63 11.23 -6.04
N TRP A 235 3.99 10.34 -5.12
CA TRP A 235 5.09 9.39 -5.36
C TRP A 235 4.86 8.57 -6.63
N ASN A 236 3.65 8.03 -6.81
CA ASN A 236 3.36 7.21 -7.98
C ASN A 236 3.51 8.00 -9.28
N ALA A 237 2.92 9.21 -9.31
CA ALA A 237 3.06 10.07 -10.49
C ALA A 237 4.52 10.43 -10.77
N PHE A 238 5.30 10.68 -9.71
CA PHE A 238 6.72 10.99 -9.89
C PHE A 238 7.49 9.79 -10.42
N GLN A 239 7.18 8.58 -9.95
CA GLN A 239 7.81 7.38 -10.48
C GLN A 239 7.48 7.20 -11.95
N LYS A 240 6.26 7.54 -12.36
CA LYS A 240 5.87 7.44 -13.76
C LYS A 240 6.61 8.47 -14.61
N LEU A 241 6.67 9.71 -14.13
CA LEU A 241 7.39 10.78 -14.82
C LEU A 241 8.87 10.43 -14.99
N ALA A 242 9.50 9.96 -13.92
CA ALA A 242 10.90 9.57 -13.97
C ALA A 242 11.14 8.41 -14.91
N GLN A 243 10.22 7.45 -14.93
CA GLN A 243 10.38 6.31 -15.81
C GLN A 243 10.43 6.76 -17.26
N MSE A 244 9.62 7.75 -17.61
CA MSE A 244 9.61 8.38 -18.90
C MSE A 244 10.82 9.27 -19.22
O MSE A 244 11.47 9.13 -20.26
CB MSE A 244 8.35 9.22 -19.01
CG MSE A 244 8.24 10.16 -20.22
SE MSE A 244 6.37 10.67 -20.50
CE MSE A 244 6.33 12.50 -19.77
N LEU A 245 11.13 10.19 -18.32
CA LEU A 245 12.08 11.27 -18.60
C LEU A 245 13.51 10.95 -18.23
N MSE A 246 13.78 9.86 -17.52
CA MSE A 246 15.16 9.49 -17.22
C MSE A 246 15.77 8.62 -18.30
O MSE A 246 16.97 8.37 -18.30
CB MSE A 246 15.26 8.79 -15.86
CG MSE A 246 15.18 9.80 -14.76
SE MSE A 246 15.31 8.95 -13.02
CE MSE A 246 17.09 8.19 -13.12
N HIS A 247 14.95 8.20 -19.25
CA HIS A 247 15.37 7.37 -20.38
C HIS A 247 14.54 7.79 -21.58
N THR A 248 14.67 9.02 -21.97
CA THR A 248 13.75 9.53 -22.98
C THR A 248 14.47 9.74 -24.31
N PRO A 249 13.82 9.42 -25.44
CA PRO A 249 14.37 9.90 -26.74
C PRO A 249 14.37 11.42 -26.77
N PHE A 250 15.39 11.98 -27.42
CA PHE A 250 15.48 13.42 -27.55
C PHE A 250 16.07 13.75 -28.92
N ASN A 251 15.71 14.92 -29.41
CA ASN A 251 16.23 15.48 -30.67
C ASN A 251 16.64 16.92 -30.38
N ALA A 252 17.93 17.21 -30.50
CA ALA A 252 18.45 18.56 -30.25
C ALA A 252 19.15 19.08 -31.51
N GLU A 253 18.68 20.22 -32.03
CA GLU A 253 19.22 20.84 -33.25
C GLU A 253 19.41 22.34 -33.05
N GLY A 254 20.53 22.88 -33.52
CA GLY A 254 20.71 24.32 -33.45
C GLY A 254 22.16 24.73 -33.64
N ILE A 255 22.37 26.05 -33.59
CA ILE A 255 23.71 26.65 -33.62
C ILE A 255 24.32 26.60 -32.22
N VAL A 256 25.58 26.18 -32.15
CA VAL A 256 26.26 26.15 -30.86
C VAL A 256 26.63 27.56 -30.42
N THR A 257 26.11 27.99 -29.28
CA THR A 257 26.41 29.31 -28.75
C THR A 257 27.44 29.28 -27.64
N LYS A 258 27.64 28.14 -26.99
CA LYS A 258 28.67 28.04 -25.97
C LYS A 258 28.97 26.56 -25.79
N ILE A 259 30.21 26.28 -25.40
CA ILE A 259 30.54 24.93 -24.95
C ILE A 259 31.64 25.04 -23.91
N PHE A 260 31.47 24.31 -22.81
CA PHE A 260 32.50 24.32 -21.78
C PHE A 260 32.38 23.06 -20.94
N THR A 261 33.50 22.67 -20.34
CA THR A 261 33.58 21.51 -19.48
C THR A 261 33.48 21.99 -18.03
N ASP A 262 32.59 21.38 -17.26
CA ASP A 262 32.43 21.74 -15.86
C ASP A 262 33.33 20.89 -14.98
N ALA A 263 33.31 21.13 -13.67
CA ALA A 263 34.25 20.49 -12.77
C ALA A 263 34.12 18.97 -12.77
N ASN A 264 32.96 18.45 -13.18
CA ASN A 264 32.66 17.03 -13.22
C ASN A 264 32.99 16.37 -14.56
N GLY A 265 33.70 17.08 -15.44
CA GLY A 265 34.03 16.55 -16.75
C GLY A 265 32.87 16.50 -17.71
N THR A 266 31.76 17.14 -17.38
CA THR A 266 30.58 17.18 -18.24
C THR A 266 30.64 18.38 -19.17
N GLN A 267 30.41 18.14 -20.46
CA GLN A 267 30.49 19.19 -21.47
C GLN A 267 29.11 19.80 -21.68
N HIS A 268 28.94 21.06 -21.30
CA HIS A 268 27.70 21.79 -21.50
C HIS A 268 27.71 22.41 -22.89
N ILE A 269 26.63 22.20 -23.66
CA ILE A 269 26.52 22.75 -25.00
C ILE A 269 25.21 23.55 -25.08
N GLY A 270 25.33 24.83 -25.38
CA GLY A 270 24.16 25.66 -25.61
C GLY A 270 23.83 25.69 -27.09
N LEU A 271 22.55 25.49 -27.41
CA LEU A 271 22.11 25.44 -28.80
C LEU A 271 21.03 26.50 -29.03
N HIS A 272 21.16 27.20 -30.15
CA HIS A 272 20.17 28.19 -30.54
C HIS A 272 19.38 27.66 -31.72
N PRO A 273 18.05 27.76 -31.70
CA PRO A 273 17.24 27.10 -32.73
C PRO A 273 17.43 27.70 -34.11
N ILE A 274 17.29 26.84 -35.11
CA ILE A 274 17.45 27.22 -36.52
C ILE A 274 16.07 27.48 -37.10
N PRO A 275 15.85 28.61 -37.78
CA PRO A 275 14.57 28.90 -38.44
C PRO A 275 14.46 28.25 -39.82
N VAL B 5 -17.63 -23.38 27.72
CA VAL B 5 -17.81 -22.63 26.48
C VAL B 5 -18.77 -21.46 26.70
N ARG B 6 -18.26 -20.25 26.78
CA ARG B 6 -19.13 -19.09 26.99
C ARG B 6 -19.89 -18.76 25.71
N ILE B 7 -21.06 -18.15 25.87
CA ILE B 7 -21.91 -17.80 24.74
C ILE B 7 -22.11 -16.29 24.73
N TYR B 8 -21.75 -15.66 23.60
CA TYR B 8 -21.98 -14.24 23.38
C TYR B 8 -23.14 -14.06 22.41
N THR B 9 -23.99 -13.08 22.69
CA THR B 9 -25.16 -12.82 21.86
C THR B 9 -25.00 -11.60 20.96
N ASN B 10 -24.04 -10.73 21.25
CA ASN B 10 -23.74 -9.56 20.45
C ASN B 10 -22.24 -9.52 20.18
N ALA B 11 -21.89 -9.19 18.93
CA ALA B 11 -20.49 -8.96 18.60
C ALA B 11 -19.87 -7.91 19.51
N GLU B 12 -20.66 -6.93 19.92
CA GLU B 12 -20.14 -5.88 20.80
C GLU B 12 -19.50 -6.41 22.07
N GLU B 13 -19.85 -7.62 22.48
CA GLU B 13 -19.29 -8.18 23.70
C GLU B 13 -17.88 -8.72 23.53
N LEU B 14 -17.40 -8.89 22.30
CA LEU B 14 -16.05 -9.36 22.04
C LEU B 14 -15.08 -8.24 21.67
N VAL B 15 -15.56 -7.00 21.59
CA VAL B 15 -14.68 -5.87 21.26
C VAL B 15 -13.52 -5.83 22.24
N GLY B 16 -12.30 -5.79 21.70
CA GLY B 16 -11.12 -5.81 22.54
C GLY B 16 -10.80 -7.16 23.11
N LYS B 17 -11.09 -8.22 22.38
CA LYS B 17 -10.74 -9.59 22.76
C LYS B 17 -10.23 -10.26 21.49
N PRO B 18 -8.92 -10.30 21.30
CA PRO B 18 -8.38 -11.09 20.19
C PRO B 18 -8.89 -12.52 20.28
N PHE B 19 -9.28 -13.06 19.14
CA PHE B 19 -9.86 -14.39 19.06
C PHE B 19 -9.51 -14.98 17.71
N ARG B 20 -9.53 -16.30 17.64
CA ARG B 20 -9.44 -17.03 16.38
C ARG B 20 -10.80 -17.61 16.06
N ASP B 21 -11.16 -17.61 14.78
CA ASP B 21 -12.41 -18.17 14.33
C ASP B 21 -12.22 -19.64 13.97
N LEU B 22 -13.19 -20.47 14.36
CA LEU B 22 -13.08 -21.91 14.12
C LEU B 22 -14.24 -22.46 13.31
N GLY B 23 -15.08 -21.60 12.76
CA GLY B 23 -16.14 -22.02 11.86
C GLY B 23 -17.50 -22.09 12.53
N GLU B 24 -18.51 -22.35 11.69
CA GLU B 24 -19.89 -22.41 12.13
C GLU B 24 -20.12 -23.58 13.08
N VAL B 25 -21.08 -23.39 13.99
CA VAL B 25 -21.63 -24.47 14.81
C VAL B 25 -23.10 -24.19 15.02
N SER B 26 -23.86 -25.27 15.25
CA SER B 26 -25.30 -25.19 15.44
C SER B 26 -25.74 -26.22 16.47
N GLY B 27 -26.94 -26.00 17.01
CA GLY B 27 -27.63 -27.00 17.78
C GLY B 27 -29.10 -27.00 17.38
N ASP B 28 -29.75 -28.14 17.57
CA ASP B 28 -31.12 -28.31 17.10
C ASP B 28 -31.95 -29.05 18.11
N SER B 29 -33.27 -28.88 17.99
CA SER B 29 -34.22 -29.72 18.72
C SER B 29 -35.47 -29.87 17.86
N CYS B 30 -35.79 -31.10 17.46
CA CYS B 30 -37.00 -31.36 16.69
C CYS B 30 -38.16 -31.70 17.60
N GLN B 31 -39.37 -31.56 17.05
CA GLN B 31 -40.55 -32.23 17.55
C GLN B 31 -41.16 -32.95 16.35
N ALA B 32 -41.04 -34.28 16.34
CA ALA B 32 -41.50 -35.09 15.22
C ALA B 32 -42.89 -34.68 14.75
N SER B 33 -43.90 -34.91 15.58
CA SER B 33 -45.28 -34.59 15.26
C SER B 33 -45.73 -33.32 15.95
N ASN B 34 -46.74 -32.67 15.36
CA ASN B 34 -47.43 -31.59 16.04
C ASN B 34 -47.92 -32.02 17.41
N GLN B 35 -48.14 -33.32 17.61
CA GLN B 35 -48.58 -33.76 18.92
C GLN B 35 -47.48 -33.63 19.96
N ASP B 36 -46.22 -33.68 19.55
CA ASP B 36 -45.14 -33.86 20.52
C ASP B 36 -44.69 -32.52 21.10
N SER B 37 -43.96 -32.61 22.22
CA SER B 37 -43.52 -31.43 22.95
C SER B 37 -42.78 -30.46 22.02
N PRO B 38 -42.99 -29.16 22.15
CA PRO B 38 -42.41 -28.20 21.21
C PRO B 38 -40.89 -28.26 21.20
N PRO B 39 -40.27 -27.75 20.14
CA PRO B 39 -38.80 -27.78 20.07
C PRO B 39 -38.17 -26.92 21.16
N SER B 40 -37.15 -27.47 21.81
CA SER B 40 -36.49 -26.82 22.93
C SER B 40 -35.26 -26.06 22.41
N ILE B 41 -35.38 -24.73 22.34
CA ILE B 41 -34.21 -23.91 22.01
C ILE B 41 -33.06 -24.16 22.99
N PRO B 42 -33.25 -24.12 24.33
CA PRO B 42 -32.17 -24.48 25.24
C PRO B 42 -31.41 -25.75 24.89
N THR B 43 -32.12 -26.85 24.61
CA THR B 43 -31.40 -28.07 24.24
C THR B 43 -30.53 -27.86 23.00
N ALA B 44 -30.95 -26.96 22.11
CA ALA B 44 -30.13 -26.66 20.95
C ALA B 44 -28.85 -25.96 21.38
N ARG B 45 -28.97 -24.95 22.26
CA ARG B 45 -27.82 -24.20 22.74
C ARG B 45 -26.75 -25.12 23.31
N LYS B 46 -27.18 -26.06 24.15
CA LYS B 46 -26.27 -26.91 24.89
C LYS B 46 -25.57 -27.90 23.97
N ARG B 47 -26.29 -28.40 22.95
CA ARG B 47 -25.68 -29.20 21.89
C ARG B 47 -24.71 -28.37 21.07
N MET B 48 -25.02 -27.10 20.84
CA MET B 48 -24.11 -26.22 20.13
C MET B 48 -22.81 -26.04 20.90
N GLN B 49 -22.93 -25.75 22.20
CA GLN B 49 -21.70 -25.48 22.95
C GLN B 49 -20.88 -26.75 23.18
N ILE B 50 -21.53 -27.91 23.32
CA ILE B 50 -20.73 -29.12 23.50
C ILE B 50 -20.08 -29.50 22.18
N ASN B 51 -20.75 -29.27 21.05
CA ASN B 51 -20.07 -29.45 19.77
C ASN B 51 -19.06 -28.36 19.49
N ALA B 52 -19.22 -27.19 20.13
CA ALA B 52 -18.16 -26.19 20.06
C ALA B 52 -16.89 -26.71 20.72
N SER B 53 -17.03 -27.38 21.87
CA SER B 53 -15.87 -27.94 22.54
C SER B 53 -15.20 -29.03 21.71
N LYS B 54 -15.98 -29.72 20.86
CA LYS B 54 -15.39 -30.70 19.96
C LYS B 54 -14.38 -30.05 19.02
N MET B 55 -14.64 -28.81 18.61
CA MET B 55 -13.70 -28.06 17.79
C MET B 55 -12.69 -27.29 18.63
N LYS B 56 -12.53 -27.65 19.90
CA LYS B 56 -11.68 -26.91 20.84
C LYS B 56 -12.05 -25.42 20.84
N ALA B 57 -13.30 -25.15 21.21
CA ALA B 57 -13.75 -23.77 21.28
C ALA B 57 -13.66 -23.27 22.70
N ASN B 58 -13.81 -21.95 22.82
CA ASN B 58 -13.59 -21.17 24.02
C ASN B 58 -14.88 -20.41 24.28
N ALA B 59 -15.62 -20.17 23.21
CA ALA B 59 -16.79 -19.31 23.24
C ALA B 59 -17.52 -19.45 21.91
N VAL B 60 -18.71 -18.86 21.86
CA VAL B 60 -19.53 -18.88 20.67
C VAL B 60 -20.19 -17.53 20.52
N LEU B 61 -20.12 -16.97 19.31
CA LEU B 61 -20.90 -15.80 18.94
C LEU B 61 -22.17 -16.30 18.25
N LEU B 62 -23.32 -16.05 18.87
CA LEU B 62 -24.58 -16.61 18.39
C LEU B 62 -25.12 -15.80 17.22
N HIS B 63 -25.25 -16.44 16.06
CA HIS B 63 -25.88 -15.79 14.93
C HIS B 63 -27.39 -15.68 15.13
N SER B 64 -28.06 -16.82 15.30
CA SER B 64 -29.50 -16.91 15.21
C SER B 64 -29.97 -18.21 15.85
N CYS B 65 -31.26 -18.23 16.24
CA CYS B 65 -32.01 -19.46 16.52
C CYS B 65 -33.45 -19.17 16.15
N GLU B 66 -33.73 -19.04 14.86
CA GLU B 66 -35.12 -18.98 14.42
C GLU B 66 -35.76 -20.37 14.54
N VAL B 67 -37.04 -20.38 14.87
CA VAL B 67 -37.83 -21.61 14.96
C VAL B 67 -38.57 -21.77 13.64
N THR B 68 -38.14 -22.71 12.80
CA THR B 68 -38.63 -22.81 11.44
C THR B 68 -39.76 -23.85 11.35
N SER B 69 -40.27 -24.03 10.13
CA SER B 69 -41.44 -24.88 9.90
C SER B 69 -41.20 -25.88 8.78
N GLY B 70 -40.74 -25.39 7.63
CA GLY B 70 -40.58 -26.20 6.43
C GLY B 70 -39.61 -27.35 6.55
N THR B 71 -38.77 -27.37 7.59
CA THR B 71 -37.83 -28.45 7.85
C THR B 71 -38.49 -29.81 7.72
N PRO B 72 -37.82 -30.77 7.08
CA PRO B 72 -38.38 -32.11 6.95
C PRO B 72 -37.92 -33.05 8.06
N GLY B 73 -38.86 -33.84 8.56
CA GLY B 73 -38.60 -34.76 9.64
C GLY B 73 -39.17 -34.33 10.97
N CYS B 74 -39.66 -33.10 11.09
CA CYS B 74 -40.38 -32.67 12.27
C CYS B 74 -41.24 -31.46 11.92
N TYR B 75 -42.39 -31.35 12.61
CA TYR B 75 -43.41 -30.37 12.26
C TYR B 75 -42.84 -28.94 12.30
N ARG B 76 -42.27 -28.56 13.44
CA ARG B 76 -41.52 -27.33 13.56
C ARG B 76 -40.16 -27.65 14.18
N GLN B 77 -39.14 -26.89 13.78
CA GLN B 77 -37.77 -27.22 14.13
C GLN B 77 -37.05 -25.98 14.65
N ALA B 78 -36.27 -26.16 15.71
CA ALA B 78 -35.46 -25.10 16.30
C ALA B 78 -34.02 -25.26 15.83
N VAL B 79 -33.61 -24.43 14.85
CA VAL B 79 -32.22 -24.39 14.40
C VAL B 79 -31.56 -23.17 14.98
N CYS B 80 -30.33 -23.31 15.46
CA CYS B 80 -29.72 -22.30 16.31
C CYS B 80 -28.21 -22.32 16.09
N ILE B 81 -27.73 -21.36 15.32
CA ILE B 81 -26.34 -21.39 14.92
C ILE B 81 -25.50 -20.18 15.27
N GLY B 82 -24.19 -20.40 15.24
CA GLY B 82 -23.23 -19.37 15.57
C GLY B 82 -21.81 -19.75 15.17
N SER B 83 -20.86 -18.87 15.52
CA SER B 83 -19.45 -19.08 15.23
C SER B 83 -18.73 -19.59 16.47
N ALA B 84 -17.99 -20.68 16.32
CA ALA B 84 -17.11 -21.14 17.38
C ALA B 84 -15.87 -20.25 17.42
N LEU B 85 -15.51 -19.77 18.61
CA LEU B 85 -14.40 -18.84 18.77
C LEU B 85 -13.42 -19.37 19.81
N ASN B 86 -12.15 -19.03 19.60
CA ASN B 86 -11.08 -19.31 20.56
C ASN B 86 -10.54 -17.96 20.99
N ILE B 87 -10.96 -17.52 22.18
CA ILE B 87 -10.43 -16.27 22.74
C ILE B 87 -9.00 -16.53 23.23
N THR B 88 -8.07 -15.67 22.83
CA THR B 88 -6.66 -15.86 23.14
C THR B 88 -6.36 -15.69 24.63
#